data_8PI9
#
_entry.id   8PI9
#
_cell.length_a   49.008
_cell.length_b   53.065
_cell.length_c   202.671
_cell.angle_alpha   90.000
_cell.angle_beta   90.000
_cell.angle_gamma   90.000
#
_symmetry.space_group_name_H-M   'P 21 21 21'
#
loop_
_entity.id
_entity.type
_entity.pdbx_description
1 polymer 'Chains: E'
2 polymer 'Chains: F'
3 polymer 'Hepatocyte nuclear factor 1-alpha'
#
loop_
_entity_poly.entity_id
_entity_poly.type
_entity_poly.pdbx_seq_one_letter_code
_entity_poly.pdbx_strand_id
1 'polydeoxyribonucleotide'
;(DA)(DC)(DT)(DG)(DA)(DT)(DT)(DA)(DC)(DT)(DC)(DT)(DT)(DT)(DA)(DA)(DC)(DG)(DT)(DA)
(DT)
;
E
2 'polydeoxyribonucleotide'
;(DA)(DT)(DA)(DC)(DG)(DT)(DT)(DA)(DA)(DA)(DG)(DA)(DG)(DT)(DA)(DA)(DT)(DC)(DA)(DG)
(DT)
;
F
3 'polypeptide(L)'
;GPPILKELENLSPEEAAHQKAVVETLLQEDPWRVAKMVKSYLQQHNIPQREVVDTTGLNQSHLSQHLNKGTPMKTQKRAA
LYTWYVRKQREVAQQFTHAGQGGLIEEPTGDELPTKKGRRNRFKWGPASQQILFQAYERQKNPSKEERETLVEECNRAEC
IQRGVSPSQAQGLGSNLVTEVRVYNWFANRRKEEAFRH
;
A,B
#
loop_
_chem_comp.id
_chem_comp.type
_chem_comp.name
_chem_comp.formula
DA DNA linking 2'-DEOXYADENOSINE-5'-MONOPHOSPHATE 'C10 H14 N5 O6 P'
DC DNA linking 2'-DEOXYCYTIDINE-5'-MONOPHOSPHATE 'C9 H14 N3 O7 P'
DG DNA linking 2'-DEOXYGUANOSINE-5'-MONOPHOSPHATE 'C10 H14 N5 O7 P'
DT DNA linking THYMIDINE-5'-MONOPHOSPHATE 'C10 H15 N2 O8 P'
#
# COMPACT_ATOMS: atom_id res chain seq x y z
N SER C 12 -34.66 0.78 -20.30
CA SER C 12 -34.75 -0.68 -20.19
C SER C 12 -36.00 -1.12 -19.42
N PRO C 13 -37.20 -0.79 -19.93
CA PRO C 13 -38.42 -1.14 -19.20
C PRO C 13 -38.71 -2.62 -19.17
N GLU C 14 -38.43 -3.33 -20.28
CA GLU C 14 -38.56 -4.79 -20.30
C GLU C 14 -37.86 -5.43 -19.10
N GLU C 15 -36.69 -4.90 -18.74
CA GLU C 15 -35.95 -5.40 -17.59
C GLU C 15 -35.87 -4.37 -16.46
N ALA C 16 -36.82 -3.42 -16.42
CA ALA C 16 -36.78 -2.38 -15.40
C ALA C 16 -36.93 -2.96 -14.00
N ALA C 17 -37.67 -4.05 -13.85
CA ALA C 17 -37.83 -4.72 -12.57
C ALA C 17 -37.08 -6.04 -12.49
N HIS C 18 -36.62 -6.58 -13.63
CA HIS C 18 -35.72 -7.72 -13.58
C HIS C 18 -34.52 -7.42 -12.70
N GLN C 19 -34.02 -6.17 -12.78
CA GLN C 19 -32.86 -5.78 -12.00
C GLN C 19 -33.18 -5.76 -10.53
N LYS C 20 -34.36 -5.23 -10.17
CA LYS C 20 -34.85 -5.37 -8.81
C LYS C 20 -34.83 -6.84 -8.41
N ALA C 21 -35.31 -7.71 -9.30
CA ALA C 21 -35.25 -9.14 -9.04
C ALA C 21 -33.81 -9.62 -8.90
N VAL C 22 -32.89 -9.10 -9.73
CA VAL C 22 -31.48 -9.44 -9.55
C VAL C 22 -31.02 -9.03 -8.16
N VAL C 23 -31.02 -7.73 -7.87
CA VAL C 23 -30.56 -7.28 -6.55
C VAL C 23 -31.36 -7.98 -5.45
N GLU C 24 -32.68 -8.14 -5.65
CA GLU C 24 -33.48 -8.88 -4.67
C GLU C 24 -33.00 -10.31 -4.51
N THR C 25 -32.73 -10.99 -5.62
CA THR C 25 -32.05 -12.28 -5.51
C THR C 25 -30.73 -12.09 -4.79
N LEU C 26 -29.82 -11.29 -5.39
CA LEU C 26 -28.45 -11.18 -4.88
C LEU C 26 -28.38 -10.93 -3.38
N LEU C 27 -29.32 -10.16 -2.83
CA LEU C 27 -29.22 -9.87 -1.41
C LEU C 27 -29.76 -10.99 -0.55
N GLN C 28 -30.63 -11.84 -1.12
CA GLN C 28 -30.93 -13.13 -0.49
C GLN C 28 -29.75 -14.08 -0.60
N GLU C 29 -28.92 -13.91 -1.64
CA GLU C 29 -27.77 -14.77 -1.87
C GLU C 29 -26.70 -14.57 -0.79
N ASP C 30 -25.76 -15.51 -0.75
CA ASP C 30 -24.68 -15.45 0.22
C ASP C 30 -23.79 -14.23 -0.03
N PRO C 31 -23.38 -13.50 1.01
CA PRO C 31 -22.57 -12.29 0.75
C PRO C 31 -21.22 -12.59 0.11
N TRP C 32 -20.45 -13.54 0.65
CA TRP C 32 -19.14 -13.81 0.08
C TRP C 32 -19.22 -14.34 -1.34
N ARG C 33 -20.29 -15.08 -1.66
CA ARG C 33 -20.44 -15.62 -3.00
C ARG C 33 -20.60 -14.51 -4.03
N VAL C 34 -21.49 -13.55 -3.75
CA VAL C 34 -21.67 -12.42 -4.65
C VAL C 34 -20.42 -11.55 -4.66
N ALA C 35 -19.65 -11.55 -3.56
CA ALA C 35 -18.46 -10.71 -3.50
C ALA C 35 -17.36 -11.27 -4.39
N LYS C 36 -17.10 -12.57 -4.30
CA LYS C 36 -16.17 -13.21 -5.22
C LYS C 36 -16.63 -13.06 -6.67
N MET C 37 -17.95 -12.99 -6.88
CA MET C 37 -18.47 -12.88 -8.23
C MET C 37 -18.14 -11.53 -8.85
N VAL C 38 -18.43 -10.43 -8.14
CA VAL C 38 -18.17 -9.12 -8.70
C VAL C 38 -16.68 -8.90 -8.89
N LYS C 39 -15.85 -9.37 -7.95
CA LYS C 39 -14.41 -9.27 -8.11
C LYS C 39 -13.95 -10.00 -9.35
N SER C 40 -14.46 -11.22 -9.56
CA SER C 40 -14.18 -11.93 -10.80
C SER C 40 -14.63 -11.13 -12.01
N TYR C 41 -15.79 -10.47 -11.91
CA TYR C 41 -16.27 -9.63 -12.99
C TYR C 41 -15.35 -8.44 -13.20
N LEU C 42 -15.00 -7.74 -12.11
CA LEU C 42 -14.10 -6.59 -12.22
C LEU C 42 -12.75 -7.01 -12.78
N GLN C 43 -12.19 -8.11 -12.25
CA GLN C 43 -10.91 -8.60 -12.74
C GLN C 43 -10.99 -8.97 -14.22
N GLN C 44 -12.13 -9.52 -14.65
CA GLN C 44 -12.25 -9.98 -16.03
C GLN C 44 -12.28 -8.80 -16.99
N HIS C 45 -13.07 -7.77 -16.68
CA HIS C 45 -13.11 -6.56 -17.50
C HIS C 45 -12.09 -5.51 -17.07
N ASN C 46 -11.27 -5.80 -16.06
CA ASN C 46 -10.25 -4.86 -15.57
C ASN C 46 -10.89 -3.53 -15.19
N ILE C 47 -11.97 -3.62 -14.42
CA ILE C 47 -12.68 -2.43 -13.94
C ILE C 47 -12.06 -2.01 -12.62
N PRO C 48 -11.70 -0.74 -12.45
CA PRO C 48 -11.10 -0.30 -11.19
C PRO C 48 -12.15 -0.14 -10.10
N GLN C 49 -11.75 -0.48 -8.87
CA GLN C 49 -12.64 -0.29 -7.73
C GLN C 49 -13.00 1.17 -7.53
N ARG C 50 -12.15 2.08 -8.01
CA ARG C 50 -12.45 3.51 -7.93
C ARG C 50 -13.83 3.80 -8.49
N GLU C 51 -14.01 3.58 -9.80
CA GLU C 51 -15.28 3.78 -10.50
C GLU C 51 -16.48 3.30 -9.69
N VAL C 52 -16.35 2.15 -9.03
CA VAL C 52 -17.35 1.67 -8.10
C VAL C 52 -17.54 2.72 -7.01
N VAL C 53 -16.49 2.95 -6.21
CA VAL C 53 -16.54 3.91 -5.10
C VAL C 53 -17.09 5.25 -5.56
N ASP C 54 -16.69 5.71 -6.76
CA ASP C 54 -17.19 6.96 -7.30
C ASP C 54 -18.70 6.92 -7.50
N THR C 55 -19.20 5.94 -8.25
CA THR C 55 -20.62 5.88 -8.55
C THR C 55 -21.43 5.50 -7.31
N THR C 56 -21.12 4.35 -6.71
CA THR C 56 -21.87 3.87 -5.56
C THR C 56 -21.76 4.82 -4.37
N GLY C 57 -20.54 5.18 -3.97
CA GLY C 57 -20.34 6.01 -2.81
C GLY C 57 -19.95 5.27 -1.55
N LEU C 58 -19.66 3.97 -1.64
CA LEU C 58 -19.21 3.24 -0.47
C LEU C 58 -17.75 3.55 -0.18
N ASN C 59 -17.35 3.37 1.08
CA ASN C 59 -15.98 3.64 1.47
C ASN C 59 -15.02 2.73 0.71
N GLN C 60 -13.91 3.33 0.28
CA GLN C 60 -12.89 2.59 -0.45
C GLN C 60 -12.43 1.36 0.33
N SER C 61 -11.91 1.57 1.53
CA SER C 61 -11.32 0.47 2.29
C SER C 61 -12.34 -0.62 2.56
N HIS C 62 -13.58 -0.24 2.86
CA HIS C 62 -14.63 -1.22 3.12
C HIS C 62 -14.85 -2.12 1.91
N LEU C 63 -15.00 -1.53 0.73
CA LEU C 63 -15.21 -2.31 -0.48
C LEU C 63 -14.08 -3.30 -0.71
N SER C 64 -12.84 -2.83 -0.68
CA SER C 64 -11.70 -3.70 -0.89
C SER C 64 -11.63 -4.79 0.17
N GLN C 65 -11.85 -4.43 1.44
CA GLN C 65 -11.87 -5.41 2.51
C GLN C 65 -13.00 -6.41 2.36
N HIS C 66 -14.06 -6.04 1.63
CA HIS C 66 -15.21 -6.92 1.41
C HIS C 66 -15.06 -7.77 0.16
N LEU C 67 -14.70 -7.15 -0.96
CA LEU C 67 -14.59 -7.89 -2.21
C LEU C 67 -13.43 -8.86 -2.21
N ASN C 68 -12.47 -8.72 -1.29
CA ASN C 68 -11.28 -9.56 -1.29
C ASN C 68 -11.18 -10.50 -0.11
N LYS C 69 -11.85 -10.21 1.01
CA LYS C 69 -11.72 -11.01 2.21
C LYS C 69 -13.05 -11.48 2.82
N GLY C 70 -14.17 -10.90 2.43
CA GLY C 70 -15.45 -11.28 3.00
C GLY C 70 -15.93 -10.45 4.16
N THR C 71 -15.31 -9.30 4.40
CA THR C 71 -15.75 -8.38 5.45
C THR C 71 -17.19 -7.98 5.18
N PRO C 72 -18.13 -8.22 6.10
CA PRO C 72 -19.54 -7.97 5.81
C PRO C 72 -19.89 -6.48 5.86
N MET C 73 -20.99 -6.16 5.20
CA MET C 73 -21.53 -4.81 5.20
C MET C 73 -23.06 -4.89 5.18
N LYS C 74 -23.69 -3.76 5.50
CA LYS C 74 -25.14 -3.71 5.55
C LYS C 74 -25.74 -3.96 4.17
N THR C 75 -26.93 -4.57 4.17
CA THR C 75 -27.59 -4.93 2.91
C THR C 75 -27.82 -3.69 2.04
N GLN C 76 -28.17 -2.57 2.67
CA GLN C 76 -28.40 -1.34 1.92
C GLN C 76 -27.16 -0.94 1.14
N LYS C 77 -26.01 -0.88 1.81
CA LYS C 77 -24.75 -0.66 1.11
C LYS C 77 -24.48 -1.77 0.11
N ARG C 78 -24.74 -3.03 0.50
CA ARG C 78 -24.60 -4.14 -0.44
C ARG C 78 -25.52 -3.98 -1.64
N ALA C 79 -26.72 -3.43 -1.42
CA ALA C 79 -27.66 -3.26 -2.52
C ALA C 79 -27.15 -2.22 -3.51
N ALA C 80 -26.48 -1.17 -3.03
CA ALA C 80 -25.92 -0.17 -3.92
C ALA C 80 -24.87 -0.78 -4.84
N LEU C 81 -24.10 -1.73 -4.32
CA LEU C 81 -23.15 -2.46 -5.16
C LEU C 81 -23.88 -3.30 -6.19
N TYR C 82 -24.86 -4.09 -5.75
CA TYR C 82 -25.57 -4.97 -6.67
C TYR C 82 -26.29 -4.17 -7.74
N THR C 83 -26.90 -3.05 -7.36
CA THR C 83 -27.52 -2.17 -8.35
C THR C 83 -26.50 -1.72 -9.39
N TRP C 84 -25.30 -1.35 -8.95
CA TRP C 84 -24.27 -0.92 -9.88
C TRP C 84 -23.80 -2.09 -10.74
N TYR C 85 -23.60 -3.27 -10.15
CA TYR C 85 -23.15 -4.43 -10.90
C TYR C 85 -24.11 -4.76 -12.04
N VAL C 86 -25.41 -4.80 -11.75
CA VAL C 86 -26.41 -5.08 -12.78
C VAL C 86 -26.34 -4.02 -13.86
N ARG C 87 -26.49 -2.76 -13.45
CA ARG C 87 -26.31 -1.63 -14.34
C ARG C 87 -25.08 -1.81 -15.21
N LYS C 88 -23.92 -2.03 -14.58
CA LYS C 88 -22.64 -2.04 -15.28
C LYS C 88 -22.68 -2.99 -16.48
N GLN C 89 -23.27 -4.18 -16.30
CA GLN C 89 -23.35 -5.16 -17.38
C GLN C 89 -23.91 -4.56 -18.66
N ARG C 90 -24.87 -3.64 -18.54
CA ARG C 90 -25.49 -3.03 -19.72
C ARG C 90 -24.48 -2.25 -20.52
N GLU C 91 -23.81 -1.27 -19.89
CA GLU C 91 -22.81 -0.45 -20.57
C GLU C 91 -21.79 -1.32 -21.31
N VAL C 92 -21.19 -2.29 -20.61
CA VAL C 92 -20.17 -3.15 -21.24
C VAL C 92 -20.71 -3.78 -22.52
N ALA C 93 -21.78 -4.57 -22.40
CA ALA C 93 -22.37 -5.23 -23.57
C ALA C 93 -22.77 -4.21 -24.63
N GLN C 94 -23.45 -3.14 -24.23
CA GLN C 94 -23.90 -2.13 -25.19
C GLN C 94 -22.71 -1.47 -25.89
N GLN C 95 -21.64 -1.18 -25.13
CA GLN C 95 -20.50 -0.49 -25.73
C GLN C 95 -19.71 -1.41 -26.66
N PHE C 96 -19.55 -2.69 -26.28
CA PHE C 96 -18.90 -3.64 -27.17
C PHE C 96 -19.70 -3.82 -28.44
N THR C 97 -21.03 -3.90 -28.31
CA THR C 97 -21.91 -3.98 -29.47
C THR C 97 -21.75 -2.74 -30.35
N HIS C 98 -21.77 -1.55 -29.73
CA HIS C 98 -21.71 -0.31 -30.51
C HIS C 98 -20.45 -0.24 -31.35
N ALA C 99 -19.28 -0.43 -30.73
CA ALA C 99 -17.99 -0.52 -31.42
C ALA C 99 -17.73 0.66 -32.36
N ARG C 119 -15.23 9.83 -16.38
CA ARG C 119 -14.46 8.73 -15.80
C ARG C 119 -13.27 8.36 -16.70
N ARG C 120 -12.19 9.14 -16.59
CA ARG C 120 -10.97 8.86 -17.35
C ARG C 120 -10.18 7.78 -16.60
N ASN C 121 -10.61 6.54 -16.80
CA ASN C 121 -9.99 5.42 -16.10
C ASN C 121 -8.64 5.11 -16.73
N ARG C 122 -7.72 4.61 -15.90
CA ARG C 122 -6.37 4.31 -16.34
C ARG C 122 -6.26 2.87 -16.82
N PHE C 123 -5.40 2.66 -17.82
CA PHE C 123 -5.13 1.33 -18.33
C PHE C 123 -4.64 0.40 -17.23
N LYS C 124 -4.90 -0.90 -17.43
CA LYS C 124 -4.36 -1.92 -16.54
C LYS C 124 -4.20 -3.20 -17.36
N TRP C 125 -3.08 -3.89 -17.16
CA TRP C 125 -2.79 -5.10 -17.90
C TRP C 125 -3.59 -6.27 -17.34
N GLY C 126 -4.21 -7.04 -18.24
CA GLY C 126 -5.00 -8.19 -17.85
C GLY C 126 -4.18 -9.46 -17.87
N PRO C 127 -4.48 -10.39 -16.96
CA PRO C 127 -3.58 -11.55 -16.76
C PRO C 127 -3.20 -12.31 -18.03
N ALA C 128 -4.15 -12.59 -18.93
CA ALA C 128 -3.82 -13.29 -20.16
C ALA C 128 -2.84 -12.47 -21.01
N SER C 129 -3.03 -11.15 -21.05
CA SER C 129 -2.12 -10.31 -21.84
C SER C 129 -0.70 -10.34 -21.29
N GLN C 130 -0.54 -10.51 -19.97
CA GLN C 130 0.80 -10.48 -19.38
C GLN C 130 1.63 -11.69 -19.79
N GLN C 131 1.09 -12.91 -19.63
CA GLN C 131 1.85 -14.10 -20.02
C GLN C 131 2.26 -14.03 -21.48
N ILE C 132 1.42 -13.43 -22.31
CA ILE C 132 1.78 -13.16 -23.70
C ILE C 132 3.01 -12.25 -23.76
N LEU C 133 2.94 -11.12 -23.05
CA LEU C 133 4.05 -10.16 -23.06
C LEU C 133 5.28 -10.74 -22.38
N PHE C 134 5.09 -11.47 -21.26
CA PHE C 134 6.22 -12.09 -20.59
C PHE C 134 6.91 -13.09 -21.50
N GLN C 135 6.13 -14.00 -22.11
CA GLN C 135 6.67 -14.93 -23.09
C GLN C 135 7.51 -14.21 -24.15
N ALA C 136 6.99 -13.07 -24.63
CA ALA C 136 7.74 -12.29 -25.61
C ALA C 136 8.99 -11.68 -25.00
N TYR C 137 9.02 -11.48 -23.68
CA TYR C 137 10.18 -10.87 -23.05
C TYR C 137 11.43 -11.71 -23.26
N GLU C 138 11.41 -12.97 -22.77
CA GLU C 138 12.60 -13.82 -22.92
C GLU C 138 13.02 -13.96 -24.36
N ARG C 139 12.07 -13.97 -25.29
CA ARG C 139 12.43 -13.96 -26.69
C ARG C 139 13.15 -12.67 -27.09
N GLN C 140 12.69 -11.52 -26.59
CA GLN C 140 13.33 -10.26 -26.99
C GLN C 140 13.04 -9.21 -25.91
N LYS C 141 14.06 -8.89 -25.13
CA LYS C 141 13.96 -7.86 -24.11
C LYS C 141 13.63 -6.49 -24.71
N ASN C 142 14.18 -6.19 -25.88
CA ASN C 142 13.94 -4.91 -26.56
C ASN C 142 13.33 -5.16 -27.92
N PRO C 143 12.00 -5.32 -28.03
CA PRO C 143 11.40 -5.60 -29.34
C PRO C 143 11.69 -4.48 -30.33
N SER C 144 11.23 -4.63 -31.56
CA SER C 144 11.15 -3.47 -32.42
C SER C 144 9.68 -3.20 -32.68
N LYS C 145 9.40 -2.16 -33.47
CA LYS C 145 8.03 -1.67 -33.61
C LYS C 145 7.09 -2.76 -34.11
N GLU C 146 7.47 -3.46 -35.17
CA GLU C 146 6.58 -4.47 -35.76
C GLU C 146 6.27 -5.60 -34.77
N GLU C 147 7.22 -5.98 -33.91
CA GLU C 147 6.89 -6.97 -32.88
C GLU C 147 5.90 -6.41 -31.87
N ARG C 148 6.06 -5.15 -31.48
CA ARG C 148 5.14 -4.59 -30.49
C ARG C 148 3.71 -4.58 -31.04
N GLU C 149 3.52 -4.10 -32.27
CA GLU C 149 2.14 -3.95 -32.75
C GLU C 149 1.50 -5.30 -33.06
N THR C 150 2.30 -6.31 -33.42
CA THR C 150 1.71 -7.64 -33.58
C THR C 150 1.32 -8.23 -32.23
N LEU C 151 2.09 -7.91 -31.19
CA LEU C 151 1.77 -8.36 -29.84
C LEU C 151 0.51 -7.71 -29.33
N VAL C 152 0.25 -6.48 -29.75
CA VAL C 152 -0.97 -5.75 -29.44
C VAL C 152 -2.16 -6.66 -29.70
N GLU C 153 -2.47 -6.88 -30.98
CA GLU C 153 -3.67 -7.63 -31.37
C GLU C 153 -3.77 -8.95 -30.62
N GLU C 154 -2.65 -9.68 -30.50
CA GLU C 154 -2.63 -10.93 -29.73
C GLU C 154 -3.16 -10.70 -28.31
N CYS C 155 -2.70 -9.63 -27.67
CA CYS C 155 -3.19 -9.32 -26.33
C CYS C 155 -4.64 -8.86 -26.38
N ASN C 156 -5.00 -8.01 -27.36
CA ASN C 156 -6.40 -7.59 -27.47
C ASN C 156 -7.31 -8.77 -27.74
N ARG C 157 -6.82 -9.78 -28.46
CA ARG C 157 -7.56 -11.02 -28.65
C ARG C 157 -7.91 -11.60 -27.30
N ALA C 158 -6.90 -12.14 -26.62
CA ALA C 158 -7.05 -12.78 -25.32
C ALA C 158 -7.96 -11.99 -24.39
N GLU C 159 -7.86 -10.66 -24.41
CA GLU C 159 -8.73 -9.85 -23.57
C GLU C 159 -10.18 -9.97 -24.01
N CYS C 160 -10.44 -9.78 -25.31
CA CYS C 160 -11.79 -9.98 -25.83
C CYS C 160 -12.28 -11.39 -25.55
N ILE C 161 -11.39 -12.38 -25.67
CA ILE C 161 -11.75 -13.76 -25.36
C ILE C 161 -12.05 -13.91 -23.88
N GLN C 162 -11.19 -13.33 -23.02
CA GLN C 162 -11.41 -13.42 -21.59
C GLN C 162 -12.76 -12.83 -21.19
N ARG C 163 -13.26 -11.85 -21.95
CA ARG C 163 -14.60 -11.32 -21.71
C ARG C 163 -15.61 -11.85 -22.72
N GLY C 164 -15.33 -13.00 -23.34
CA GLY C 164 -16.30 -13.70 -24.16
C GLY C 164 -16.93 -12.88 -25.27
N VAL C 165 -16.18 -11.95 -25.81
CA VAL C 165 -16.63 -11.09 -26.90
C VAL C 165 -15.71 -11.30 -28.09
N SER C 166 -16.28 -11.28 -29.29
CA SER C 166 -15.51 -11.44 -30.51
C SER C 166 -14.34 -10.45 -30.53
N PRO C 167 -13.12 -10.90 -30.85
CA PRO C 167 -11.98 -9.97 -30.96
C PRO C 167 -12.20 -8.83 -31.94
N SER C 168 -13.23 -8.90 -32.80
CA SER C 168 -13.54 -7.76 -33.65
C SER C 168 -13.95 -6.55 -32.81
N GLN C 169 -14.72 -6.78 -31.75
CA GLN C 169 -15.12 -5.71 -30.84
C GLN C 169 -14.03 -5.52 -29.80
N ALA C 170 -13.02 -4.73 -30.16
CA ALA C 170 -11.96 -4.36 -29.24
C ALA C 170 -11.99 -2.89 -28.86
N GLN C 171 -12.61 -2.04 -29.68
CA GLN C 171 -12.80 -0.65 -29.30
C GLN C 171 -13.59 -0.54 -27.99
N GLY C 172 -14.45 -1.54 -27.71
CA GLY C 172 -15.16 -1.57 -26.45
C GLY C 172 -14.25 -1.74 -25.25
N LEU C 173 -13.04 -2.27 -25.45
CA LEU C 173 -12.09 -2.37 -24.34
C LEU C 173 -11.71 -0.98 -23.83
N GLY C 174 -11.70 0.02 -24.72
CA GLY C 174 -11.53 1.41 -24.34
C GLY C 174 -10.31 1.69 -23.48
N SER C 175 -10.56 2.03 -22.20
CA SER C 175 -9.47 2.28 -21.27
C SER C 175 -8.57 1.06 -21.09
N ASN C 176 -9.05 -0.12 -21.47
CA ASN C 176 -8.28 -1.36 -21.39
C ASN C 176 -7.86 -1.86 -22.78
N LEU C 177 -7.91 -0.99 -23.78
CA LEU C 177 -7.46 -1.32 -25.14
C LEU C 177 -5.94 -1.21 -25.21
N VAL C 178 -5.29 -2.31 -25.57
CA VAL C 178 -3.82 -2.32 -25.67
C VAL C 178 -3.40 -1.49 -26.87
N THR C 179 -2.44 -0.58 -26.65
CA THR C 179 -1.83 0.21 -27.72
C THR C 179 -0.32 0.01 -27.69
N GLU C 180 0.31 0.42 -28.79
CA GLU C 180 1.75 0.20 -28.96
C GLU C 180 2.57 0.88 -27.88
N VAL C 181 2.25 2.16 -27.60
CA VAL C 181 2.97 2.90 -26.56
C VAL C 181 2.93 2.13 -25.23
N ARG C 182 1.82 1.47 -24.96
CA ARG C 182 1.69 0.69 -23.75
C ARG C 182 2.60 -0.53 -23.78
N VAL C 183 2.76 -1.16 -24.94
CA VAL C 183 3.67 -2.29 -25.05
C VAL C 183 5.11 -1.83 -24.83
N TYR C 184 5.48 -0.69 -25.41
CA TYR C 184 6.82 -0.16 -25.18
C TYR C 184 7.02 0.17 -23.71
N ASN C 185 6.05 0.84 -23.09
CA ASN C 185 6.16 1.18 -21.68
C ASN C 185 6.27 -0.08 -20.83
N TRP C 186 5.47 -1.10 -21.15
CA TRP C 186 5.56 -2.37 -20.43
C TRP C 186 6.97 -2.93 -20.49
N PHE C 187 7.49 -3.15 -21.70
CA PHE C 187 8.84 -3.66 -21.86
C PHE C 187 9.86 -2.71 -21.22
N ALA C 188 9.66 -1.41 -21.37
CA ALA C 188 10.51 -0.43 -20.72
C ALA C 188 10.56 -0.68 -19.23
N ASN C 189 9.44 -0.43 -18.55
CA ASN C 189 9.34 -0.61 -17.10
C ASN C 189 9.87 -1.97 -16.65
N ARG C 190 9.53 -3.03 -17.40
CA ARG C 190 10.04 -4.36 -17.06
C ARG C 190 11.55 -4.45 -17.29
N ARG C 191 12.11 -3.62 -18.16
CA ARG C 191 13.55 -3.59 -18.32
C ARG C 191 14.23 -2.95 -17.11
N LYS C 192 13.55 -1.98 -16.47
CA LYS C 192 14.13 -1.35 -15.28
C LYS C 192 14.09 -2.28 -14.07
N GLU C 193 13.61 -3.51 -14.24
CA GLU C 193 13.60 -4.48 -13.15
C GLU C 193 14.99 -4.67 -12.56
N GLU C 194 16.03 -4.57 -13.39
CA GLU C 194 17.41 -4.70 -12.92
C GLU C 194 17.80 -3.46 -12.12
N ALA C 195 17.73 -3.56 -10.80
CA ALA C 195 18.21 -2.54 -9.88
C ALA C 195 18.09 -3.06 -8.45
N PRO D 3 18.71 28.77 30.41
CA PRO D 3 18.55 28.22 29.07
C PRO D 3 19.59 27.14 28.76
N ILE D 4 19.71 26.16 29.65
CA ILE D 4 20.80 25.19 29.55
C ILE D 4 20.50 24.15 28.49
N LEU D 5 19.33 23.50 28.61
CA LEU D 5 19.00 22.39 27.72
C LEU D 5 18.88 22.86 26.27
N LYS D 6 18.20 23.98 26.05
CA LYS D 6 18.08 24.53 24.70
C LYS D 6 19.43 24.84 24.08
N GLU D 7 20.46 25.03 24.90
CA GLU D 7 21.80 25.31 24.36
C GLU D 7 22.50 24.03 23.91
N LEU D 8 22.31 22.92 24.64
CA LEU D 8 22.64 21.62 24.06
C LEU D 8 21.95 21.45 22.72
N GLU D 9 20.67 21.82 22.67
CA GLU D 9 19.85 21.64 21.47
C GLU D 9 20.44 22.40 20.29
N ASN D 10 21.08 23.55 20.55
CA ASN D 10 21.67 24.33 19.48
C ASN D 10 22.89 23.62 18.90
N LEU D 11 23.09 23.80 17.60
CA LEU D 11 24.18 23.15 16.89
C LEU D 11 25.45 23.97 17.02
N SER D 12 26.47 23.39 17.65
CA SER D 12 27.78 24.00 17.64
C SER D 12 28.34 24.00 16.22
N PRO D 13 28.84 25.15 15.74
CA PRO D 13 29.40 25.23 14.39
C PRO D 13 30.27 24.05 13.98
N GLU D 14 31.05 23.47 14.90
CA GLU D 14 31.89 22.34 14.53
C GLU D 14 31.05 21.09 14.26
N GLU D 15 30.10 20.80 15.15
CA GLU D 15 29.21 19.66 14.94
C GLU D 15 28.31 19.86 13.72
N ALA D 16 28.10 21.10 13.29
CA ALA D 16 27.39 21.34 12.05
C ALA D 16 28.22 20.88 10.85
N ALA D 17 29.52 21.22 10.85
CA ALA D 17 30.39 20.76 9.79
C ALA D 17 30.48 19.25 9.75
N HIS D 18 30.36 18.59 10.91
CA HIS D 18 30.30 17.13 10.93
C HIS D 18 29.05 16.62 10.23
N GLN D 19 27.90 17.21 10.55
CA GLN D 19 26.66 16.87 9.86
C GLN D 19 26.82 16.94 8.36
N LYS D 20 27.28 18.09 7.86
CA LYS D 20 27.49 18.25 6.43
C LYS D 20 28.52 17.25 5.90
N ALA D 21 29.57 16.98 6.68
CA ALA D 21 30.59 16.03 6.24
C ALA D 21 30.01 14.63 6.08
N VAL D 22 29.13 14.21 6.99
CA VAL D 22 28.54 12.88 6.92
C VAL D 22 27.71 12.74 5.65
N VAL D 23 26.93 13.77 5.32
CA VAL D 23 26.10 13.72 4.13
C VAL D 23 26.96 13.55 2.88
N GLU D 24 28.03 14.33 2.77
CA GLU D 24 28.93 14.22 1.63
C GLU D 24 29.50 12.82 1.51
N THR D 25 29.83 12.21 2.64
CA THR D 25 30.41 10.88 2.64
C THR D 25 29.42 9.85 2.10
N LEU D 26 28.18 9.90 2.58
CA LEU D 26 27.16 8.97 2.11
C LEU D 26 26.84 9.20 0.63
N LEU D 27 26.85 10.47 0.19
CA LEU D 27 26.61 10.78 -1.21
C LEU D 27 27.67 10.20 -2.13
N GLN D 28 28.82 9.81 -1.57
CA GLN D 28 29.87 9.13 -2.31
C GLN D 28 29.90 7.63 -2.07
N GLU D 29 29.06 7.12 -1.16
CA GLU D 29 28.94 5.70 -0.92
C GLU D 29 27.87 5.10 -1.83
N ASP D 30 27.71 3.79 -1.73
CA ASP D 30 26.66 3.09 -2.48
C ASP D 30 25.30 3.52 -1.98
N PRO D 31 24.48 4.22 -2.79
CA PRO D 31 23.16 4.62 -2.31
C PRO D 31 22.30 3.44 -1.90
N TRP D 32 22.48 2.29 -2.54
CA TRP D 32 21.75 1.10 -2.14
C TRP D 32 22.20 0.65 -0.75
N ARG D 33 23.50 0.77 -0.46
CA ARG D 33 24.00 0.39 0.86
C ARG D 33 23.45 1.31 1.94
N VAL D 34 23.42 2.62 1.68
CA VAL D 34 22.91 3.54 2.69
C VAL D 34 21.39 3.43 2.78
N ALA D 35 20.73 3.00 1.70
CA ALA D 35 19.28 2.85 1.74
C ALA D 35 18.87 1.80 2.77
N LYS D 36 19.63 0.71 2.88
CA LYS D 36 19.39 -0.29 3.90
C LYS D 36 19.30 0.34 5.29
N MET D 37 20.33 1.09 5.67
CA MET D 37 20.41 1.53 7.06
C MET D 37 19.40 2.62 7.35
N VAL D 38 19.12 3.49 6.37
CA VAL D 38 18.04 4.45 6.53
C VAL D 38 16.74 3.72 6.85
N LYS D 39 16.41 2.73 6.02
CA LYS D 39 15.21 1.93 6.25
C LYS D 39 15.26 1.22 7.59
N SER D 40 16.34 0.47 7.86
CA SER D 40 16.44 -0.28 9.10
C SER D 40 16.30 0.63 10.31
N TYR D 41 16.86 1.83 10.24
CA TYR D 41 16.66 2.83 11.29
C TYR D 41 15.20 3.25 11.35
N LEU D 42 14.59 3.50 10.19
CA LEU D 42 13.16 3.82 10.15
C LEU D 42 12.33 2.69 10.72
N GLN D 43 12.82 1.45 10.65
CA GLN D 43 12.13 0.33 11.27
C GLN D 43 12.43 0.24 12.76
N GLN D 44 13.65 0.61 13.15
CA GLN D 44 14.03 0.55 14.56
C GLN D 44 13.19 1.51 15.39
N HIS D 45 12.87 2.68 14.85
CA HIS D 45 12.05 3.66 15.55
C HIS D 45 10.66 3.78 14.95
N ASN D 46 10.34 2.96 13.95
CA ASN D 46 9.04 2.93 13.30
C ASN D 46 8.60 4.33 12.89
N ILE D 47 9.45 4.96 12.11
CA ILE D 47 9.23 6.32 11.60
C ILE D 47 8.48 6.20 10.27
N PRO D 48 7.23 6.64 10.19
CA PRO D 48 6.52 6.58 8.91
C PRO D 48 7.24 7.36 7.83
N GLN D 49 7.29 6.77 6.63
CA GLN D 49 7.85 7.48 5.48
C GLN D 49 7.14 8.80 5.24
N ARG D 50 5.84 8.86 5.54
CA ARG D 50 5.08 10.10 5.37
C ARG D 50 5.75 11.26 6.08
N GLU D 51 6.37 10.98 7.24
CA GLU D 51 7.17 12.01 7.91
C GLU D 51 8.31 12.48 7.02
N VAL D 52 9.09 11.54 6.48
CA VAL D 52 10.18 11.92 5.59
C VAL D 52 9.63 12.65 4.38
N VAL D 53 8.57 12.11 3.77
CA VAL D 53 7.95 12.75 2.62
C VAL D 53 7.48 14.16 2.98
N ASP D 54 6.97 14.34 4.20
CA ASP D 54 6.51 15.66 4.61
C ASP D 54 7.68 16.60 4.89
N THR D 55 8.65 16.15 5.68
CA THR D 55 9.77 17.00 6.04
C THR D 55 10.69 17.25 4.84
N THR D 56 11.02 16.19 4.10
CA THR D 56 11.95 16.34 2.98
C THR D 56 11.31 17.10 1.83
N GLY D 57 10.09 16.72 1.45
CA GLY D 57 9.48 17.20 0.23
C GLY D 57 9.57 16.22 -0.91
N LEU D 58 10.05 15.00 -0.67
CA LEU D 58 10.17 13.98 -1.70
C LEU D 58 8.82 13.37 -2.06
N ASN D 59 8.86 12.26 -2.78
CA ASN D 59 7.67 11.54 -3.20
C ASN D 59 7.64 10.21 -2.46
N GLN D 60 6.46 9.85 -1.93
CA GLN D 60 6.34 8.60 -1.19
C GLN D 60 6.74 7.41 -2.04
N SER D 61 6.35 7.41 -3.32
CA SER D 61 6.67 6.30 -4.20
C SER D 61 8.16 6.26 -4.51
N HIS D 62 8.73 7.37 -4.99
CA HIS D 62 10.17 7.43 -5.24
C HIS D 62 10.96 6.98 -4.03
N LEU D 63 10.58 7.48 -2.85
CA LEU D 63 11.19 7.08 -1.59
C LEU D 63 11.02 5.58 -1.36
N SER D 64 9.76 5.16 -1.22
CA SER D 64 9.42 3.74 -1.06
C SER D 64 10.18 2.88 -2.05
N GLN D 65 10.19 3.28 -3.32
CA GLN D 65 10.96 2.54 -4.32
C GLN D 65 12.44 2.54 -3.99
N HIS D 66 12.96 3.65 -3.46
CA HIS D 66 14.39 3.78 -3.23
C HIS D 66 14.85 3.02 -1.99
N LEU D 67 13.98 2.87 -0.98
CA LEU D 67 14.35 2.06 0.18
C LEU D 67 13.98 0.59 0.02
N ASN D 68 12.88 0.28 -0.67
CA ASN D 68 12.51 -1.12 -0.88
C ASN D 68 13.36 -1.76 -1.97
N LYS D 69 13.62 -1.02 -3.05
CA LYS D 69 14.47 -1.49 -4.13
C LYS D 69 15.59 -0.47 -4.36
N GLY D 70 16.64 -0.90 -5.05
CA GLY D 70 17.72 0.00 -5.42
C GLY D 70 17.36 1.04 -6.46
N THR D 71 16.11 1.52 -6.46
CA THR D 71 15.65 2.55 -7.38
C THR D 71 16.52 3.79 -7.23
N PRO D 72 17.31 4.14 -8.24
CA PRO D 72 18.24 5.26 -8.11
C PRO D 72 17.52 6.57 -7.91
N MET D 73 18.26 7.57 -7.44
CA MET D 73 17.72 8.89 -7.19
C MET D 73 18.87 9.89 -7.26
N LYS D 74 18.61 11.06 -7.83
CA LYS D 74 19.67 12.04 -8.06
C LYS D 74 20.30 12.48 -6.74
N THR D 75 21.53 12.99 -6.85
CA THR D 75 22.31 13.32 -5.66
C THR D 75 21.61 14.37 -4.80
N GLN D 76 20.97 15.35 -5.43
CA GLN D 76 20.33 16.44 -4.70
C GLN D 76 19.22 15.90 -3.81
N LYS D 77 18.38 15.02 -4.36
CA LYS D 77 17.28 14.44 -3.60
C LYS D 77 17.79 13.52 -2.50
N ARG D 78 18.76 12.66 -2.83
CA ARG D 78 19.38 11.81 -1.82
C ARG D 78 19.99 12.65 -0.69
N ALA D 79 20.57 13.79 -1.05
CA ALA D 79 21.15 14.67 -0.03
C ALA D 79 20.11 15.11 0.99
N ALA D 80 18.89 15.41 0.53
CA ALA D 80 17.82 15.78 1.45
C ALA D 80 17.51 14.64 2.41
N LEU D 81 17.39 13.42 1.87
CA LEU D 81 17.17 12.25 2.72
C LEU D 81 18.31 12.09 3.73
N TYR D 82 19.55 12.22 3.25
CA TYR D 82 20.71 12.07 4.14
C TYR D 82 20.73 13.18 5.18
N THR D 83 20.39 14.40 4.78
CA THR D 83 20.30 15.50 5.72
C THR D 83 19.26 15.20 6.81
N TRP D 84 18.03 14.88 6.39
CA TRP D 84 16.99 14.51 7.34
C TRP D 84 17.46 13.40 8.29
N TYR D 85 18.20 12.43 7.76
CA TYR D 85 18.66 11.31 8.56
C TYR D 85 19.50 11.79 9.73
N VAL D 86 20.59 12.51 9.45
CA VAL D 86 21.51 12.89 10.52
C VAL D 86 20.83 13.82 11.52
N ARG D 87 19.90 14.67 11.07
CA ARG D 87 19.18 15.52 12.02
C ARG D 87 18.23 14.70 12.89
N LYS D 88 17.52 13.74 12.30
CA LYS D 88 16.59 12.93 13.08
C LYS D 88 17.30 12.18 14.18
N GLN D 89 18.52 11.70 13.91
CA GLN D 89 19.30 11.00 14.92
C GLN D 89 19.46 11.85 16.19
N ARG D 90 19.70 13.14 16.02
CA ARG D 90 19.81 14.02 17.18
C ARG D 90 18.45 14.22 17.85
N GLU D 91 17.41 14.38 17.04
CA GLU D 91 16.06 14.61 17.59
C GLU D 91 15.61 13.42 18.43
N VAL D 92 15.75 12.20 17.90
CA VAL D 92 15.35 11.02 18.66
C VAL D 92 16.26 10.82 19.87
N ALA D 93 17.52 11.25 19.77
CA ALA D 93 18.43 11.13 20.90
C ALA D 93 17.95 11.98 22.06
N GLN D 94 17.62 13.24 21.76
CA GLN D 94 17.09 14.14 22.77
C GLN D 94 15.72 13.69 23.24
N GLN D 95 14.88 13.27 22.29
CA GLN D 95 13.55 12.75 22.61
C GLN D 95 13.60 11.76 23.76
N PHE D 96 14.57 10.85 23.71
CA PHE D 96 14.73 9.90 24.80
C PHE D 96 15.51 10.52 25.96
N THR D 97 16.62 11.19 25.67
CA THR D 97 17.40 11.82 26.74
C THR D 97 16.55 12.78 27.55
N HIS D 98 15.94 13.76 26.89
CA HIS D 98 15.06 14.71 27.57
C HIS D 98 13.70 14.07 27.85
N ALA D 99 13.69 12.87 28.43
CA ALA D 99 12.45 12.18 28.73
C ALA D 99 12.60 11.39 30.01
N GLY D 100 11.46 10.99 30.58
CA GLY D 100 11.43 10.29 31.84
C GLY D 100 11.50 11.19 33.06
N GLN D 101 11.57 12.50 32.88
CA GLN D 101 11.63 13.44 33.99
C GLN D 101 10.69 14.60 33.70
N GLY D 102 10.43 15.40 34.74
CA GLY D 102 9.57 16.56 34.61
C GLY D 102 10.25 17.85 35.00
N GLY D 103 10.26 18.82 34.09
CA GLY D 103 10.88 20.11 34.34
C GLY D 103 10.23 21.25 33.58
N ARG D 120 2.10 14.31 14.29
CA ARG D 120 0.82 13.72 13.92
C ARG D 120 1.00 12.28 13.46
N ASN D 121 2.11 11.68 13.88
CA ASN D 121 2.40 10.29 13.53
C ASN D 121 1.41 9.35 14.20
N ARG D 122 1.20 8.19 13.57
CA ARG D 122 0.30 7.18 14.09
C ARG D 122 1.09 6.07 14.75
N PHE D 123 0.54 5.51 15.83
CA PHE D 123 1.16 4.37 16.48
C PHE D 123 1.33 3.23 15.49
N LYS D 124 2.49 2.59 15.53
CA LYS D 124 2.78 1.44 14.68
C LYS D 124 3.35 0.33 15.52
N TRP D 125 2.79 -0.87 15.39
CA TRP D 125 3.23 -2.02 16.15
C TRP D 125 4.61 -2.46 15.69
N GLY D 126 5.57 -2.47 16.61
CA GLY D 126 6.91 -2.91 16.32
C GLY D 126 6.99 -4.43 16.30
N PRO D 127 7.89 -4.96 15.46
CA PRO D 127 8.02 -6.43 15.35
C PRO D 127 8.21 -7.13 16.68
N ALA D 128 9.08 -6.60 17.55
CA ALA D 128 9.33 -7.24 18.84
C ALA D 128 8.06 -7.34 19.66
N SER D 129 7.29 -6.25 19.75
CA SER D 129 6.01 -6.28 20.44
C SER D 129 5.05 -7.26 19.78
N GLN D 130 5.06 -7.32 18.44
CA GLN D 130 4.16 -8.21 17.72
C GLN D 130 4.36 -9.66 18.17
N GLN D 131 5.61 -10.11 18.23
CA GLN D 131 5.89 -11.48 18.68
C GLN D 131 5.37 -11.69 20.09
N ILE D 132 5.61 -10.72 20.99
CA ILE D 132 5.10 -10.79 22.35
C ILE D 132 3.59 -10.99 22.34
N LEU D 133 2.89 -10.20 21.53
CA LEU D 133 1.43 -10.24 21.51
C LEU D 133 0.90 -11.53 20.89
N PHE D 134 1.53 -12.01 19.81
CA PHE D 134 1.05 -13.22 19.15
C PHE D 134 1.07 -14.42 20.09
N GLN D 135 2.20 -14.64 20.77
CA GLN D 135 2.30 -15.74 21.71
C GLN D 135 1.27 -15.60 22.84
N ALA D 136 1.05 -14.37 23.30
CA ALA D 136 0.06 -14.15 24.35
C ALA D 136 -1.35 -14.44 23.84
N TYR D 137 -1.63 -14.14 22.58
CA TYR D 137 -2.93 -14.44 22.00
C TYR D 137 -3.22 -15.93 22.07
N GLU D 138 -2.19 -16.77 21.98
CA GLU D 138 -2.40 -18.21 22.06
C GLU D 138 -2.89 -18.62 23.44
N ARG D 139 -2.32 -18.03 24.49
CA ARG D 139 -2.71 -18.39 25.86
C ARG D 139 -4.15 -17.98 26.15
N GLN D 140 -4.46 -16.69 25.95
CA GLN D 140 -5.81 -16.17 26.18
C GLN D 140 -6.08 -15.12 25.12
N LYS D 141 -6.98 -15.44 24.18
CA LYS D 141 -7.24 -14.52 23.07
C LYS D 141 -7.85 -13.22 23.55
N ASN D 142 -8.66 -13.27 24.60
CA ASN D 142 -9.29 -12.09 25.19
C ASN D 142 -8.63 -11.76 26.52
N PRO D 143 -7.54 -10.99 26.52
CA PRO D 143 -6.74 -10.87 27.73
C PRO D 143 -7.42 -10.04 28.81
N SER D 144 -7.12 -10.39 30.06
CA SER D 144 -7.54 -9.57 31.19
C SER D 144 -6.83 -8.22 31.12
N LYS D 145 -7.43 -7.22 31.78
CA LYS D 145 -6.84 -5.89 31.77
C LYS D 145 -5.44 -5.89 32.36
N GLU D 146 -5.25 -6.62 33.46
CA GLU D 146 -3.91 -6.73 34.04
C GLU D 146 -2.97 -7.49 33.12
N GLU D 147 -3.48 -8.53 32.45
CA GLU D 147 -2.67 -9.20 31.44
C GLU D 147 -2.29 -8.24 30.32
N ARG D 148 -3.24 -7.40 29.91
CA ARG D 148 -2.96 -6.41 28.87
C ARG D 148 -1.85 -5.45 29.30
N GLU D 149 -1.98 -4.88 30.50
CA GLU D 149 -0.98 -3.92 30.96
C GLU D 149 0.40 -4.54 31.09
N THR D 150 0.47 -5.77 31.61
CA THR D 150 1.77 -6.44 31.74
C THR D 150 2.42 -6.66 30.38
N LEU D 151 1.61 -6.70 29.31
CA LEU D 151 2.16 -6.78 27.96
C LEU D 151 2.67 -5.42 27.50
N VAL D 152 2.02 -4.34 27.93
CA VAL D 152 2.43 -2.99 27.55
C VAL D 152 3.89 -2.75 27.91
N GLU D 153 4.23 -2.97 29.18
CA GLU D 153 5.61 -2.75 29.64
C GLU D 153 6.57 -3.71 28.94
N GLU D 154 6.19 -5.00 28.87
CA GLU D 154 7.03 -5.98 28.19
C GLU D 154 7.29 -5.58 26.75
N CYS D 155 6.26 -5.08 26.06
CA CYS D 155 6.44 -4.59 24.70
C CYS D 155 7.23 -3.30 24.69
N ASN D 156 6.89 -2.37 25.59
CA ASN D 156 7.64 -1.12 25.71
C ASN D 156 9.12 -1.39 25.91
N ARG D 157 9.45 -2.28 26.85
CA ARG D 157 10.84 -2.64 27.08
C ARG D 157 11.48 -3.21 25.82
N ALA D 158 10.75 -4.04 25.09
CA ALA D 158 11.31 -4.64 23.88
C ALA D 158 11.56 -3.58 22.81
N GLU D 159 10.63 -2.64 22.63
CA GLU D 159 10.89 -1.56 21.70
C GLU D 159 12.02 -0.67 22.20
N CYS D 160 12.19 -0.57 23.53
CA CYS D 160 13.29 0.22 24.07
C CYS D 160 14.63 -0.45 23.79
N ILE D 161 14.75 -1.76 24.04
CA ILE D 161 16.04 -2.41 23.84
C ILE D 161 16.33 -2.57 22.36
N GLN D 162 15.29 -2.58 21.53
CA GLN D 162 15.49 -2.58 20.08
C GLN D 162 16.05 -1.24 19.60
N ARG D 163 15.64 -0.15 20.23
CA ARG D 163 16.19 1.17 19.95
C ARG D 163 17.47 1.45 20.72
N GLY D 164 17.95 0.49 21.52
CA GLY D 164 19.18 0.69 22.25
C GLY D 164 19.10 1.66 23.41
N VAL D 165 17.90 1.98 23.86
CA VAL D 165 17.71 2.90 24.97
C VAL D 165 17.20 2.13 26.18
N SER D 166 17.36 2.75 27.35
CA SER D 166 16.86 2.14 28.57
C SER D 166 15.33 2.21 28.61
N PRO D 167 14.68 1.25 29.27
CA PRO D 167 13.21 1.31 29.38
C PRO D 167 12.72 2.56 30.09
N SER D 168 13.55 3.18 30.94
CA SER D 168 13.13 4.36 31.68
C SER D 168 12.64 5.46 30.74
N GLN D 169 13.32 5.63 29.61
CA GLN D 169 13.00 6.66 28.63
C GLN D 169 11.91 6.21 27.65
N ALA D 170 10.95 5.40 28.12
CA ALA D 170 9.92 4.87 27.24
C ALA D 170 9.04 5.97 26.66
N GLN D 171 8.83 7.05 27.42
CA GLN D 171 8.03 8.15 26.90
C GLN D 171 8.63 8.76 25.64
N GLY D 172 9.91 8.46 25.36
CA GLY D 172 10.51 8.88 24.11
C GLY D 172 9.97 8.16 22.89
N LEU D 173 9.36 6.98 23.07
CA LEU D 173 8.72 6.29 21.95
C LEU D 173 7.65 7.14 21.26
N GLY D 174 7.14 8.16 21.95
CA GLY D 174 6.25 9.12 21.29
C GLY D 174 4.95 8.47 20.87
N SER D 175 4.58 8.68 19.61
CA SER D 175 3.39 8.05 19.07
C SER D 175 3.50 6.53 19.02
N ASN D 176 4.72 5.99 19.01
CA ASN D 176 4.95 4.56 19.04
C ASN D 176 4.98 4.02 20.47
N LEU D 177 4.43 4.77 21.43
CA LEU D 177 4.30 4.30 22.80
C LEU D 177 3.09 3.39 22.90
N VAL D 178 3.31 2.15 23.35
CA VAL D 178 2.20 1.21 23.49
C VAL D 178 1.32 1.61 24.66
N THR D 179 0.02 1.67 24.42
CA THR D 179 -0.97 1.96 25.46
C THR D 179 -1.84 0.72 25.68
N GLU D 180 -2.43 0.63 26.87
CA GLU D 180 -3.32 -0.49 27.15
C GLU D 180 -4.49 -0.53 26.17
N VAL D 181 -4.96 0.64 25.75
CA VAL D 181 -6.02 0.70 24.75
C VAL D 181 -5.53 0.11 23.43
N ARG D 182 -4.30 0.44 23.05
CA ARG D 182 -3.75 -0.08 21.80
C ARG D 182 -3.55 -1.59 21.88
N VAL D 183 -3.12 -2.10 23.03
CA VAL D 183 -2.94 -3.53 23.19
C VAL D 183 -4.27 -4.25 23.02
N TYR D 184 -5.31 -3.81 23.73
CA TYR D 184 -6.61 -4.45 23.60
C TYR D 184 -7.11 -4.41 22.17
N ASN D 185 -6.89 -3.29 21.47
CA ASN D 185 -7.29 -3.21 20.07
C ASN D 185 -6.61 -4.30 19.23
N TRP D 186 -5.30 -4.44 19.38
CA TRP D 186 -4.56 -5.48 18.66
C TRP D 186 -5.26 -6.84 18.79
N PHE D 187 -5.50 -7.26 20.04
CA PHE D 187 -6.25 -8.49 20.25
C PHE D 187 -7.64 -8.40 19.62
N ALA D 188 -8.28 -7.23 19.73
CA ALA D 188 -9.62 -7.08 19.17
C ALA D 188 -9.62 -7.25 17.67
N ASN D 189 -8.75 -6.53 16.95
CA ASN D 189 -8.67 -6.71 15.50
C ASN D 189 -8.21 -8.13 15.15
N ARG D 190 -7.24 -8.66 15.89
CA ARG D 190 -6.77 -10.01 15.60
C ARG D 190 -7.84 -11.04 15.89
N ARG D 191 -8.59 -10.86 16.99
CA ARG D 191 -9.78 -11.67 17.21
C ARG D 191 -10.78 -11.48 16.09
N LYS D 192 -10.95 -10.23 15.64
CA LYS D 192 -11.85 -9.96 14.52
C LYS D 192 -11.38 -10.67 13.26
N GLU D 193 -10.09 -10.96 13.15
CA GLU D 193 -9.54 -11.68 12.02
C GLU D 193 -9.67 -13.19 12.14
N GLU D 194 -10.27 -13.68 13.24
CA GLU D 194 -10.51 -15.11 13.36
C GLU D 194 -11.40 -15.62 12.24
N ALA D 195 -12.35 -14.79 11.80
CA ALA D 195 -13.22 -15.15 10.69
C ALA D 195 -12.60 -14.74 9.35
#